data_8XT5
#
_entry.id   8XT5
#
_cell.length_a   44.998
_cell.length_b   66.945
_cell.length_c   84.884
_cell.angle_alpha   90.00
_cell.angle_beta   90.00
_cell.angle_gamma   90.00
#
_symmetry.space_group_name_H-M   'P 21 21 21'
#
loop_
_entity.id
_entity.type
_entity.pdbx_description
1 polymer 'E3 ubiquitin-protein ligase RGLG5'
2 non-polymer 'CHLORIDE ION'
3 water water
#
_entity_poly.entity_id   1
_entity_poly.type   'polypeptide(L)'
_entity_poly.pdbx_seq_one_letter_code
;GTSSMADIGSRKYSRIADNYRSIDEVTAALSHAGLESSNLIVGIDVTKSNEWTGARSFGRKSLHFIGTTPNPYQQAISII
GKTLSVFDEDNLIPCYGFGDATTHDQDVFSFNPNDTYCNGFEEVLMCYREIVPQLRLSGPTSFAPIIERAMTIVEESGGQ
YHVLLIIADGQVTRSVDTDNGGFSPQEQQTIDAIVRASEYPLSIVLVGVGDGPWDTMRQFDDNIPARAFDNFQFVNFTDI
MSKNIDPARKEAEFALSALMEIPSQYKATLELGLLGQRTGHCPDRIALPPP
;
_entity_poly.pdbx_strand_id   A
#
# COMPACT_ATOMS: atom_id res chain seq x y z
N TYR A 20 19.30 2.22 12.27
CA TYR A 20 19.22 3.66 12.02
C TYR A 20 18.47 4.37 13.14
N ARG A 21 18.89 5.59 13.44
CA ARG A 21 18.36 6.37 14.56
C ARG A 21 17.06 7.09 14.24
N SER A 22 16.86 7.37 12.95
CA SER A 22 15.69 8.15 12.52
C SER A 22 15.31 7.79 11.10
N ILE A 23 14.11 8.19 10.69
CA ILE A 23 13.76 7.95 9.31
C ILE A 23 14.59 8.81 8.37
N ASP A 24 15.14 9.94 8.82
CA ASP A 24 16.00 10.73 7.94
C ASP A 24 17.24 9.93 7.55
N GLU A 25 17.79 9.16 8.49
CA GLU A 25 18.89 8.28 8.14
C GLU A 25 18.48 7.17 7.16
N VAL A 26 17.23 6.70 7.26
CA VAL A 26 16.76 5.69 6.32
C VAL A 26 16.63 6.29 4.92
N THR A 27 16.08 7.50 4.82
CA THR A 27 16.01 8.22 3.56
C THR A 27 17.39 8.28 2.90
N ALA A 28 18.37 8.72 3.67
CA ALA A 28 19.72 8.85 3.15
C ALA A 28 20.31 7.51 2.73
N ALA A 29 20.02 6.46 3.50
CA ALA A 29 20.51 5.13 3.18
C ALA A 29 19.89 4.61 1.87
N LEU A 30 18.61 4.91 1.64
CA LEU A 30 17.98 4.52 0.38
C LEU A 30 18.61 5.22 -0.82
N SER A 31 18.91 6.51 -0.66
CA SER A 31 19.60 7.24 -1.71
C SER A 31 20.99 6.65 -1.96
N HIS A 32 21.71 6.39 -0.88
CA HIS A 32 23.05 5.84 -0.96
C HIS A 32 23.03 4.47 -1.64
N ALA A 33 21.96 3.71 -1.46
CA ALA A 33 21.77 2.43 -2.13
C ALA A 33 21.32 2.51 -3.59
N GLY A 34 21.08 3.71 -4.07
CA GLY A 34 20.83 3.90 -5.46
C GLY A 34 19.44 4.33 -5.90
N LEU A 35 18.58 4.58 -4.93
CA LEU A 35 17.26 5.09 -5.26
C LEU A 35 17.37 6.50 -5.83
N GLU A 36 16.67 6.73 -6.91
CA GLU A 36 16.64 7.99 -7.58
C GLU A 36 15.23 8.54 -7.63
N SER A 37 14.83 9.18 -8.70
CA SER A 37 13.47 9.68 -8.82
C SER A 37 12.47 8.55 -8.59
N SER A 38 11.56 8.75 -7.64
CA SER A 38 10.66 7.70 -7.21
C SER A 38 9.32 8.30 -6.78
N ASN A 39 8.23 7.69 -7.20
CA ASN A 39 6.89 8.20 -7.03
C ASN A 39 6.14 7.29 -6.08
N LEU A 40 5.13 7.81 -5.43
CA LEU A 40 4.40 7.08 -4.41
C LEU A 40 2.91 7.12 -4.72
N ILE A 41 2.26 5.96 -4.58
CA ILE A 41 0.81 5.80 -4.66
C ILE A 41 0.37 5.16 -3.35
N VAL A 42 -0.69 5.67 -2.74
CA VAL A 42 -1.19 5.12 -1.47
C VAL A 42 -2.56 4.48 -1.65
N GLY A 43 -2.69 3.23 -1.22
CA GLY A 43 -3.98 2.56 -1.20
C GLY A 43 -4.37 2.18 0.21
N ILE A 44 -5.58 2.53 0.61
CA ILE A 44 -6.06 2.38 1.97
C ILE A 44 -7.27 1.45 2.04
N ASP A 45 -7.11 0.36 2.79
CA ASP A 45 -8.16 -0.59 3.09
C ASP A 45 -9.21 0.06 3.97
N VAL A 46 -10.44 0.19 3.47
CA VAL A 46 -11.54 0.70 4.29
C VAL A 46 -12.69 -0.31 4.39
N THR A 47 -12.31 -1.57 4.62
CA THR A 47 -13.27 -2.64 4.90
C THR A 47 -13.71 -2.66 6.36
N LYS A 48 -14.79 -3.38 6.62
CA LYS A 48 -15.46 -3.36 7.90
C LYS A 48 -14.61 -3.87 9.07
N SER A 49 -13.72 -4.81 8.80
CA SER A 49 -12.98 -5.45 9.89
C SER A 49 -12.09 -4.48 10.63
N ASN A 50 -11.80 -3.32 10.01
CA ASN A 50 -11.08 -2.26 10.71
C ASN A 50 -11.74 -1.83 12.02
N GLU A 51 -13.04 -2.06 12.13
CA GLU A 51 -13.74 -1.70 13.36
C GLU A 51 -13.34 -2.57 14.55
N TRP A 52 -12.86 -3.78 14.31
CA TRP A 52 -12.58 -4.67 15.44
C TRP A 52 -11.15 -5.23 15.49
N THR A 53 -10.31 -4.94 14.49
CA THR A 53 -8.95 -5.48 14.49
C THR A 53 -7.95 -4.60 15.26
N GLY A 54 -8.46 -3.57 15.95
CA GLY A 54 -7.67 -2.82 16.90
C GLY A 54 -7.93 -3.22 18.34
N ALA A 55 -8.55 -4.38 18.54
CA ALA A 55 -8.89 -4.85 19.88
C ALA A 55 -7.66 -4.92 20.78
N ARG A 56 -6.59 -5.48 20.25
CA ARG A 56 -5.38 -5.68 21.02
C ARG A 56 -4.36 -4.59 20.74
N SER A 57 -4.27 -4.18 19.48
CA SER A 57 -3.20 -3.31 19.01
C SER A 57 -3.53 -1.82 18.99
N PHE A 58 -4.78 -1.48 19.28
CA PHE A 58 -5.17 -0.07 19.21
C PHE A 58 -6.28 0.26 20.21
N GLY A 59 -6.19 -0.35 21.39
CA GLY A 59 -7.04 -0.01 22.52
C GLY A 59 -8.53 -0.13 22.28
N ARG A 60 -8.92 -1.13 21.49
CA ARG A 60 -10.32 -1.41 21.15
C ARG A 60 -10.97 -0.26 20.37
N LYS A 61 -10.17 0.56 19.71
CA LYS A 61 -10.69 1.57 18.81
C LYS A 61 -10.67 1.04 17.39
N SER A 62 -11.56 1.55 16.55
CA SER A 62 -11.45 1.30 15.11
C SER A 62 -10.08 1.73 14.62
N LEU A 63 -9.50 0.96 13.71
CA LEU A 63 -8.22 1.36 13.13
C LEU A 63 -8.35 2.64 12.30
N HIS A 64 -9.58 3.00 11.93
CA HIS A 64 -9.80 4.25 11.21
C HIS A 64 -10.35 5.35 12.11
N PHE A 65 -10.31 5.11 13.43
CA PHE A 65 -10.77 6.13 14.37
C PHE A 65 -9.96 7.42 14.23
N ILE A 66 -10.67 8.54 14.11
CA ILE A 66 -10.03 9.85 14.05
C ILE A 66 -10.10 10.49 15.42
N GLY A 67 -8.95 10.53 16.09
CA GLY A 67 -8.89 11.00 17.45
C GLY A 67 -7.70 11.91 17.69
N THR A 68 -7.21 11.92 18.92
CA THR A 68 -6.16 12.86 19.31
C THR A 68 -4.75 12.34 19.05
N THR A 69 -4.63 11.04 18.81
CA THR A 69 -3.35 10.44 18.45
C THR A 69 -3.54 9.72 17.10
N PRO A 70 -2.47 9.60 16.31
CA PRO A 70 -2.66 9.03 14.97
C PRO A 70 -3.01 7.54 15.01
N ASN A 71 -3.93 7.13 14.16
CA ASN A 71 -4.25 5.72 14.04
C ASN A 71 -3.19 5.04 13.16
N PRO A 72 -3.21 3.70 13.06
CA PRO A 72 -2.12 3.06 12.34
C PRO A 72 -2.04 3.45 10.87
N TYR A 73 -3.16 3.76 10.23
CA TYR A 73 -3.11 4.22 8.84
C TYR A 73 -2.40 5.55 8.74
N GLN A 74 -2.78 6.50 9.60
CA GLN A 74 -2.14 7.82 9.62
C GLN A 74 -0.66 7.70 9.92
N GLN A 75 -0.29 6.89 10.88
CA GLN A 75 1.10 6.69 11.19
C GLN A 75 1.90 6.10 10.04
N ALA A 76 1.40 5.05 9.41
CA ALA A 76 2.12 4.42 8.31
C ALA A 76 2.30 5.36 7.14
N ILE A 77 1.28 6.10 6.79
CA ILE A 77 1.36 7.11 5.75
C ILE A 77 2.39 8.20 6.05
N SER A 78 2.35 8.72 7.26
CA SER A 78 3.28 9.73 7.70
C SER A 78 4.70 9.25 7.61
N ILE A 79 4.93 8.06 8.10
CA ILE A 79 6.30 7.57 8.14
C ILE A 79 6.84 7.27 6.74
N ILE A 80 6.09 6.52 5.93
CA ILE A 80 6.57 6.18 4.59
C ILE A 80 6.58 7.43 3.69
N GLY A 81 5.54 8.26 3.84
CA GLY A 81 5.47 9.49 3.06
C GLY A 81 6.66 10.38 3.32
N LYS A 82 7.01 10.56 4.59
CA LYS A 82 8.17 11.39 4.90
C LYS A 82 9.45 10.76 4.38
N THR A 83 9.60 9.46 4.56
CA THR A 83 10.83 8.79 4.19
C THR A 83 11.10 8.92 2.68
N LEU A 84 10.05 8.84 1.88
CA LEU A 84 10.21 8.83 0.42
C LEU A 84 10.06 10.20 -0.22
N SER A 85 9.72 11.22 0.56
CA SER A 85 9.37 12.53 -0.01
C SER A 85 10.48 13.15 -0.87
N VAL A 86 11.75 13.04 -0.49
CA VAL A 86 12.79 13.75 -1.25
C VAL A 86 13.04 13.18 -2.63
N PHE A 87 12.60 11.94 -2.88
CA PHE A 87 12.79 11.30 -4.17
C PHE A 87 11.70 11.68 -5.17
N ASP A 88 10.67 12.35 -4.69
CA ASP A 88 9.48 12.67 -5.48
C ASP A 88 9.55 14.06 -6.08
N GLU A 89 9.83 14.11 -7.36
CA GLU A 89 10.03 15.37 -8.05
C GLU A 89 8.76 16.21 -8.08
N ASP A 90 7.67 15.62 -8.56
CA ASP A 90 6.46 16.40 -8.71
C ASP A 90 5.65 16.50 -7.42
N ASN A 91 6.02 15.69 -6.42
CA ASN A 91 5.36 15.64 -5.11
C ASN A 91 3.86 15.33 -5.18
N LEU A 92 3.42 14.70 -6.25
CA LEU A 92 2.02 14.32 -6.42
C LEU A 92 1.85 12.90 -5.94
N ILE A 93 0.90 12.70 -5.03
CA ILE A 93 0.67 11.37 -4.48
C ILE A 93 -0.76 10.93 -4.71
N PRO A 94 -0.99 10.09 -5.74
CA PRO A 94 -2.31 9.51 -5.91
C PRO A 94 -2.65 8.68 -4.69
N CYS A 95 -3.88 8.82 -4.20
CA CYS A 95 -4.31 8.13 -2.98
C CYS A 95 -5.73 7.64 -3.12
N TYR A 96 -5.93 6.37 -2.79
CA TYR A 96 -7.19 5.68 -3.05
C TYR A 96 -7.63 4.84 -1.88
N GLY A 97 -8.95 4.67 -1.76
CA GLY A 97 -9.50 3.72 -0.83
C GLY A 97 -10.15 2.57 -1.56
N PHE A 98 -10.30 1.44 -0.87
CA PHE A 98 -10.97 0.29 -1.43
C PHE A 98 -11.66 -0.47 -0.31
N GLY A 99 -12.83 -1.03 -0.60
CA GLY A 99 -13.52 -1.87 0.36
C GLY A 99 -14.66 -1.23 1.11
N ASP A 100 -14.97 0.02 0.81
CA ASP A 100 -16.18 0.66 1.34
C ASP A 100 -17.38 0.28 0.49
N ALA A 101 -18.54 0.82 0.85
CA ALA A 101 -19.79 0.46 0.18
C ALA A 101 -19.81 0.86 -1.29
N THR A 102 -19.02 1.86 -1.67
CA THR A 102 -19.05 2.32 -3.07
C THR A 102 -18.11 1.51 -3.96
N THR A 103 -17.18 0.75 -3.37
CA THR A 103 -16.20 0.05 -4.17
C THR A 103 -16.15 -1.46 -3.99
N HIS A 104 -16.55 -1.95 -2.82
CA HIS A 104 -16.48 -3.38 -2.49
C HIS A 104 -15.12 -3.93 -2.91
N ASP A 105 -15.09 -5.03 -3.67
CA ASP A 105 -13.83 -5.60 -4.16
C ASP A 105 -13.65 -5.37 -5.67
N GLN A 106 -14.37 -4.37 -6.18
CA GLN A 106 -14.48 -4.14 -7.63
C GLN A 106 -13.78 -2.89 -8.11
N ASP A 107 -13.58 -1.94 -7.21
CA ASP A 107 -13.14 -0.60 -7.59
C ASP A 107 -12.26 0.06 -6.54
N VAL A 108 -11.69 1.20 -6.91
CA VAL A 108 -11.10 2.09 -5.92
C VAL A 108 -11.74 3.46 -6.05
N PHE A 109 -11.70 4.23 -4.97
CA PHE A 109 -12.13 5.64 -5.05
C PHE A 109 -10.95 6.53 -4.67
N SER A 110 -10.92 7.73 -5.26
CA SER A 110 -9.89 8.69 -4.91
C SER A 110 -10.22 9.38 -3.59
N PHE A 111 -9.22 9.58 -2.75
CA PHE A 111 -9.41 10.36 -1.53
C PHE A 111 -9.40 11.86 -1.76
N ASN A 112 -8.95 12.29 -2.94
CA ASN A 112 -8.95 13.71 -3.24
C ASN A 112 -10.31 14.12 -3.80
N PRO A 113 -10.97 15.09 -3.15
CA PRO A 113 -12.33 15.45 -3.56
C PRO A 113 -12.39 16.44 -4.73
N ASN A 114 -11.23 16.84 -5.24
CA ASN A 114 -11.17 17.87 -6.29
C ASN A 114 -10.63 17.36 -7.63
N ASP A 115 -10.79 16.06 -7.87
CA ASP A 115 -10.42 15.42 -9.14
C ASP A 115 -8.97 15.70 -9.52
N THR A 116 -8.09 15.62 -8.55
CA THR A 116 -6.69 15.89 -8.78
C THR A 116 -5.85 15.05 -7.83
N TYR A 117 -4.53 15.14 -7.94
CA TYR A 117 -3.64 14.43 -7.05
C TYR A 117 -3.19 15.33 -5.91
N CYS A 118 -3.14 14.77 -4.71
CA CYS A 118 -2.64 15.49 -3.54
C CYS A 118 -1.21 15.95 -3.72
N ASN A 119 -0.95 17.17 -3.26
CA ASN A 119 0.40 17.72 -3.23
C ASN A 119 1.08 17.40 -1.90
N GLY A 120 1.80 16.28 -1.88
CA GLY A 120 2.56 15.86 -0.71
C GLY A 120 1.78 14.98 0.25
N PHE A 121 2.51 14.26 1.10
CA PHE A 121 1.85 13.30 1.98
C PHE A 121 1.01 14.00 3.05
N GLU A 122 1.37 15.23 3.39
CA GLU A 122 0.57 15.98 4.35
C GLU A 122 -0.85 16.21 3.84
N GLU A 123 -0.99 16.48 2.54
CA GLU A 123 -2.31 16.69 1.97
C GLU A 123 -3.07 15.36 1.86
N VAL A 124 -2.35 14.27 1.58
CA VAL A 124 -2.95 12.94 1.63
C VAL A 124 -3.60 12.72 3.00
N LEU A 125 -2.86 13.04 4.07
CA LEU A 125 -3.39 12.86 5.43
C LEU A 125 -4.60 13.74 5.68
N MET A 126 -4.61 14.96 5.14
CA MET A 126 -5.77 15.84 5.28
C MET A 126 -6.99 15.24 4.59
N CYS A 127 -6.82 14.71 3.38
CA CYS A 127 -7.93 14.13 2.65
C CYS A 127 -8.47 12.90 3.39
N TYR A 128 -7.56 12.08 3.89
CA TYR A 128 -7.93 10.89 4.63
C TYR A 128 -8.79 11.27 5.83
N ARG A 129 -8.34 12.26 6.60
CA ARG A 129 -9.07 12.67 7.79
C ARG A 129 -10.44 13.20 7.46
N GLU A 130 -10.53 13.85 6.30
CA GLU A 130 -11.76 14.50 5.91
C GLU A 130 -12.83 13.50 5.48
N ILE A 131 -12.39 12.49 4.75
CA ILE A 131 -13.29 11.57 4.09
C ILE A 131 -13.61 10.31 4.90
N VAL A 132 -12.65 9.79 5.67
CA VAL A 132 -12.87 8.47 6.25
C VAL A 132 -14.08 8.38 7.23
N PRO A 133 -14.40 9.45 8.01
CA PRO A 133 -15.59 9.32 8.86
C PRO A 133 -16.91 9.30 8.07
N GLN A 134 -16.87 9.75 6.81
CA GLN A 134 -18.04 9.62 5.94
C GLN A 134 -18.20 8.28 5.21
N LEU A 135 -17.26 7.36 5.36
CA LEU A 135 -17.37 6.08 4.63
C LEU A 135 -18.26 5.06 5.33
N ARG A 136 -18.88 4.19 4.53
CA ARG A 136 -19.51 3.01 5.07
C ARG A 136 -18.58 1.84 4.79
N LEU A 137 -17.93 1.32 5.80
CA LEU A 137 -16.96 0.28 5.64
C LEU A 137 -17.64 -1.00 5.22
N SER A 138 -17.05 -1.75 4.30
CA SER A 138 -17.72 -2.85 3.66
C SER A 138 -16.78 -4.02 3.39
N GLY A 139 -16.99 -4.64 2.23
CA GLY A 139 -16.17 -5.75 1.78
C GLY A 139 -16.63 -6.23 0.42
N PRO A 140 -16.10 -7.34 -0.07
CA PRO A 140 -14.97 -8.06 0.52
C PRO A 140 -13.65 -7.35 0.27
N THR A 141 -12.55 -8.00 0.65
CA THR A 141 -11.22 -7.44 0.55
C THR A 141 -10.47 -8.03 -0.63
N SER A 142 -10.06 -7.16 -1.56
CA SER A 142 -9.21 -7.58 -2.67
C SER A 142 -8.21 -6.48 -2.94
N PHE A 143 -6.98 -6.83 -3.33
CA PHE A 143 -6.02 -5.80 -3.71
C PHE A 143 -5.91 -5.69 -5.22
N ALA A 144 -6.71 -6.44 -5.98
CA ALA A 144 -6.61 -6.35 -7.43
C ALA A 144 -6.96 -4.94 -7.96
N PRO A 145 -8.06 -4.32 -7.49
CA PRO A 145 -8.35 -2.98 -8.03
C PRO A 145 -7.27 -1.95 -7.73
N ILE A 146 -6.70 -1.93 -6.52
CA ILE A 146 -5.69 -0.92 -6.24
C ILE A 146 -4.40 -1.18 -7.04
N ILE A 147 -4.03 -2.45 -7.21
CA ILE A 147 -2.83 -2.76 -7.99
C ILE A 147 -3.05 -2.42 -9.47
N GLU A 148 -4.25 -2.65 -9.98
CA GLU A 148 -4.58 -2.27 -11.36
C GLU A 148 -4.59 -0.76 -11.57
N ARG A 149 -5.09 -0.02 -10.59
CA ARG A 149 -5.02 1.45 -10.68
C ARG A 149 -3.57 1.91 -10.71
N ALA A 150 -2.73 1.30 -9.87
CA ALA A 150 -1.30 1.63 -9.85
C ALA A 150 -0.66 1.36 -11.21
N MET A 151 -0.98 0.23 -11.83
CA MET A 151 -0.44 -0.09 -13.15
C MET A 151 -0.83 0.97 -14.17
N THR A 152 -2.08 1.41 -14.11
CA THR A 152 -2.58 2.42 -15.01
C THR A 152 -1.83 3.73 -14.80
N ILE A 153 -1.59 4.11 -13.55
CA ILE A 153 -0.84 5.32 -13.25
C ILE A 153 0.60 5.23 -13.78
N VAL A 154 1.24 4.08 -13.60
CA VAL A 154 2.60 3.91 -14.07
C VAL A 154 2.65 4.04 -15.59
N GLU A 155 1.72 3.37 -16.28
CA GLU A 155 1.64 3.47 -17.73
C GLU A 155 1.41 4.92 -18.19
N GLU A 156 0.50 5.64 -17.52
CA GLU A 156 0.21 7.04 -17.88
C GLU A 156 1.43 7.94 -17.70
N SER A 157 2.29 7.59 -16.76
CA SER A 157 3.50 8.36 -16.49
C SER A 157 4.61 8.08 -17.49
N GLY A 158 4.37 7.14 -18.41
CA GLY A 158 5.41 6.72 -19.34
C GLY A 158 6.45 5.83 -18.69
N GLY A 159 6.04 5.02 -17.73
CA GLY A 159 6.94 4.08 -17.12
C GLY A 159 7.89 4.65 -16.08
N GLN A 160 7.51 5.74 -15.43
CA GLN A 160 8.32 6.21 -14.29
C GLN A 160 8.17 5.24 -13.13
N TYR A 161 9.21 5.15 -12.32
CA TYR A 161 9.20 4.21 -11.20
C TYR A 161 8.26 4.65 -10.10
N HIS A 162 7.41 3.72 -9.66
CA HIS A 162 6.45 3.98 -8.60
C HIS A 162 6.54 2.95 -7.49
N VAL A 163 6.30 3.40 -6.26
CA VAL A 163 6.06 2.51 -5.13
C VAL A 163 4.57 2.60 -4.78
N LEU A 164 3.89 1.46 -4.78
CA LEU A 164 2.51 1.38 -4.31
C LEU A 164 2.52 0.91 -2.87
N LEU A 165 2.07 1.79 -1.98
CA LEU A 165 1.92 1.47 -0.57
C LEU A 165 0.48 1.07 -0.30
N ILE A 166 0.25 -0.22 -0.04
CA ILE A 166 -1.07 -0.69 0.35
C ILE A 166 -1.07 -0.87 1.86
N ILE A 167 -2.01 -0.22 2.55
CA ILE A 167 -2.13 -0.41 3.99
C ILE A 167 -3.43 -1.14 4.24
N ALA A 168 -3.37 -2.24 4.98
CA ALA A 168 -4.54 -3.09 5.17
C ALA A 168 -4.51 -3.78 6.52
N ASP A 169 -5.69 -4.21 6.98
CA ASP A 169 -5.83 -4.82 8.31
C ASP A 169 -6.15 -6.29 8.21
N GLY A 170 -6.12 -6.81 7.01
CA GLY A 170 -6.46 -8.20 6.84
C GLY A 170 -5.95 -8.68 5.52
N GLN A 171 -5.70 -9.97 5.39
CA GLN A 171 -5.45 -10.55 4.09
C GLN A 171 -6.73 -10.49 3.25
N VAL A 172 -6.56 -10.70 1.98
CA VAL A 172 -7.61 -10.82 0.99
C VAL A 172 -8.66 -11.86 1.41
N THR A 173 -9.93 -11.59 1.13
CA THR A 173 -11.04 -12.45 1.55
C THR A 173 -10.84 -13.90 1.13
N ARG A 174 -11.09 -14.81 2.07
CA ARG A 174 -10.96 -16.25 1.85
C ARG A 174 -12.30 -16.89 1.53
N SER A 175 -12.24 -18.09 0.97
CA SER A 175 -13.44 -18.85 0.66
C SER A 175 -14.12 -19.26 1.97
N VAL A 176 -15.44 -19.37 1.96
CA VAL A 176 -16.14 -19.80 3.17
C VAL A 176 -16.20 -21.32 3.23
N ASP A 177 -15.87 -21.97 2.11
CA ASP A 177 -15.71 -23.42 2.08
C ASP A 177 -14.33 -23.79 2.61
N THR A 178 -14.22 -23.87 3.93
CA THR A 178 -12.93 -24.08 4.56
C THR A 178 -12.43 -25.52 4.46
N ASP A 179 -13.23 -26.41 3.87
CA ASP A 179 -12.78 -27.80 3.72
C ASP A 179 -12.11 -28.06 2.37
N ASN A 180 -12.71 -27.64 1.26
CA ASN A 180 -12.58 -27.85 -0.19
C ASN A 180 -12.40 -26.59 -1.02
N GLY A 181 -12.80 -25.42 -0.51
CA GLY A 181 -12.87 -24.25 -1.37
C GLY A 181 -11.45 -23.73 -1.50
N GLY A 182 -10.93 -23.72 -2.72
CA GLY A 182 -9.55 -23.34 -2.97
C GLY A 182 -9.33 -21.85 -2.83
N PHE A 183 -8.73 -21.23 -3.84
CA PHE A 183 -8.60 -19.77 -3.87
C PHE A 183 -9.95 -19.12 -4.11
N SER A 184 -10.24 -18.10 -3.30
CA SER A 184 -11.41 -17.26 -3.54
C SER A 184 -11.16 -16.42 -4.80
N PRO A 185 -12.23 -15.83 -5.35
CA PRO A 185 -12.05 -14.89 -6.45
C PRO A 185 -11.12 -13.75 -6.06
N GLN A 186 -11.20 -13.31 -4.81
CA GLN A 186 -10.37 -12.20 -4.36
C GLN A 186 -8.91 -12.60 -4.32
N GLU A 187 -8.63 -13.81 -3.84
CA GLU A 187 -7.26 -14.32 -3.80
C GLU A 187 -6.69 -14.49 -5.19
N GLN A 188 -7.43 -15.15 -6.07
CA GLN A 188 -6.97 -15.38 -7.44
C GLN A 188 -6.76 -14.05 -8.18
N GLN A 189 -7.71 -13.14 -8.07
CA GLN A 189 -7.57 -11.86 -8.78
C GLN A 189 -6.42 -11.04 -8.23
N THR A 190 -6.21 -11.10 -6.94
CA THR A 190 -5.10 -10.36 -6.34
C THR A 190 -3.74 -10.94 -6.78
N ILE A 191 -3.62 -12.26 -6.75
CA ILE A 191 -2.40 -12.91 -7.20
C ILE A 191 -2.13 -12.57 -8.66
N ASP A 192 -3.17 -12.66 -9.49
CA ASP A 192 -3.03 -12.34 -10.91
C ASP A 192 -2.56 -10.90 -11.10
N ALA A 193 -3.09 -9.98 -10.31
CA ALA A 193 -2.72 -8.58 -10.43
C ALA A 193 -1.26 -8.38 -10.04
N ILE A 194 -0.80 -9.05 -9.02
CA ILE A 194 0.61 -9.00 -8.66
C ILE A 194 1.52 -9.48 -9.78
N VAL A 195 1.15 -10.56 -10.40
CA VAL A 195 1.91 -11.06 -11.54
C VAL A 195 1.91 -10.07 -12.72
N ARG A 196 0.75 -9.61 -13.11
CA ARG A 196 0.66 -8.66 -14.19
C ARG A 196 1.42 -7.38 -13.88
N ALA A 197 1.37 -6.95 -12.64
CA ALA A 197 2.04 -5.72 -12.24
C ALA A 197 3.54 -5.81 -12.48
N SER A 198 4.09 -7.02 -12.52
CA SER A 198 5.54 -7.17 -12.65
C SER A 198 6.04 -6.83 -14.06
N GLU A 199 5.13 -6.50 -14.97
CA GLU A 199 5.51 -5.99 -16.29
C GLU A 199 5.73 -4.47 -16.27
N TYR A 200 5.56 -3.87 -15.09
CA TYR A 200 5.65 -2.42 -14.90
C TYR A 200 6.73 -2.07 -13.90
N PRO A 201 7.36 -0.89 -14.04
CA PRO A 201 8.37 -0.44 -13.07
C PRO A 201 7.68 0.01 -11.79
N LEU A 202 7.27 -0.98 -11.01
CA LEU A 202 6.38 -0.77 -9.89
C LEU A 202 6.73 -1.71 -8.76
N SER A 203 6.95 -1.17 -7.56
CA SER A 203 7.12 -1.98 -6.36
C SER A 203 5.88 -1.90 -5.51
N ILE A 204 5.41 -3.03 -5.05
CA ILE A 204 4.24 -3.09 -4.19
C ILE A 204 4.66 -3.40 -2.76
N VAL A 205 4.29 -2.55 -1.85
CA VAL A 205 4.55 -2.74 -0.43
C VAL A 205 3.24 -2.86 0.34
N LEU A 206 3.00 -4.04 0.89
CA LEU A 206 1.81 -4.25 1.69
C LEU A 206 2.14 -4.09 3.17
N VAL A 207 1.50 -3.11 3.80
CA VAL A 207 1.70 -2.84 5.21
C VAL A 207 0.52 -3.41 6.00
N GLY A 208 0.82 -4.34 6.89
CA GLY A 208 -0.20 -4.92 7.75
C GLY A 208 -0.34 -4.15 9.04
N VAL A 209 -1.53 -3.64 9.29
CA VAL A 209 -1.82 -2.95 10.55
C VAL A 209 -2.87 -3.76 11.33
N GLY A 210 -3.09 -3.39 12.59
CA GLY A 210 -4.05 -4.11 13.43
C GLY A 210 -3.56 -5.47 13.91
N ASP A 211 -4.48 -6.25 14.43
CA ASP A 211 -4.16 -7.51 15.06
C ASP A 211 -3.94 -8.66 14.12
N GLY A 212 -4.39 -8.54 12.89
CA GLY A 212 -4.20 -9.59 11.93
C GLY A 212 -5.36 -10.58 11.97
N PRO A 213 -5.14 -11.95 11.78
CA PRO A 213 -3.74 -12.40 11.87
C PRO A 213 -2.91 -12.22 10.63
N TRP A 214 -1.59 -12.21 10.81
CA TRP A 214 -0.63 -11.99 9.73
C TRP A 214 0.36 -13.14 9.63
N ASP A 215 -0.01 -14.32 10.08
CA ASP A 215 0.93 -15.42 10.07
C ASP A 215 0.75 -16.33 8.88
N THR A 216 -0.13 -15.93 7.97
CA THR A 216 -0.41 -16.58 6.69
C THR A 216 0.23 -15.88 5.45
N MET A 217 1.05 -14.86 5.65
CA MET A 217 1.54 -14.08 4.51
C MET A 217 2.63 -14.78 3.80
N ARG A 218 3.39 -15.53 4.57
CA ARG A 218 4.42 -16.27 3.94
C ARG A 218 3.75 -17.31 3.11
N GLN A 219 2.48 -17.66 3.36
CA GLN A 219 2.09 -18.66 2.37
C GLN A 219 1.50 -18.02 1.14
N PHE A 220 0.87 -16.87 1.27
CA PHE A 220 0.40 -16.11 0.13
C PHE A 220 1.53 -15.83 -0.86
N ASP A 221 2.72 -15.54 -0.32
CA ASP A 221 3.88 -15.28 -1.16
C ASP A 221 4.24 -16.52 -1.96
N ASP A 222 4.21 -17.69 -1.31
CA ASP A 222 4.51 -18.90 -2.09
C ASP A 222 3.50 -19.11 -3.20
N ASN A 223 2.27 -18.67 -3.02
CA ASN A 223 1.21 -18.93 -3.98
C ASN A 223 1.25 -17.98 -5.19
N ILE A 224 2.17 -17.02 -5.16
CA ILE A 224 2.34 -16.14 -6.31
C ILE A 224 3.32 -16.77 -7.30
N PRO A 225 2.88 -16.91 -8.57
CA PRO A 225 3.75 -17.48 -9.61
C PRO A 225 5.05 -16.71 -9.75
N ALA A 226 6.09 -17.38 -10.24
CA ALA A 226 7.38 -16.75 -10.45
C ALA A 226 7.24 -15.55 -11.39
N ARG A 227 7.97 -14.48 -11.07
CA ARG A 227 7.94 -13.25 -11.85
C ARG A 227 9.36 -12.88 -12.26
N ALA A 228 9.47 -11.90 -13.16
CA ALA A 228 10.79 -11.47 -13.62
C ALA A 228 11.55 -10.76 -12.51
N PHE A 229 10.83 -10.07 -11.63
CA PHE A 229 11.47 -9.57 -10.42
C PHE A 229 10.51 -9.67 -9.26
N ASP A 230 11.06 -9.78 -8.05
CA ASP A 230 10.23 -9.82 -6.85
C ASP A 230 9.73 -8.41 -6.63
N ASN A 231 8.50 -8.19 -7.04
CA ASN A 231 7.87 -6.87 -7.00
C ASN A 231 6.99 -6.67 -5.79
N PHE A 232 7.00 -7.62 -4.86
CA PHE A 232 6.05 -7.59 -3.76
C PHE A 232 6.74 -7.83 -2.42
N GLN A 233 6.37 -7.06 -1.42
CA GLN A 233 6.90 -7.20 -0.09
C GLN A 233 5.83 -6.93 0.94
N PHE A 234 5.89 -7.62 2.06
CA PHE A 234 5.00 -7.41 3.18
C PHE A 234 5.78 -6.96 4.41
N VAL A 235 5.21 -6.03 5.17
CA VAL A 235 5.78 -5.64 6.44
C VAL A 235 4.67 -5.54 7.48
N ASN A 236 4.91 -6.14 8.64
CA ASN A 236 3.96 -6.04 9.74
C ASN A 236 4.27 -4.80 10.60
N PHE A 237 3.43 -3.78 10.44
CA PHE A 237 3.57 -2.52 11.16
C PHE A 237 3.37 -2.74 12.66
N THR A 238 2.35 -3.51 13.01
CA THR A 238 1.97 -3.70 14.40
C THR A 238 3.11 -4.30 15.22
N ASP A 239 3.76 -5.31 14.67
CA ASP A 239 4.83 -6.02 15.38
C ASP A 239 6.04 -5.12 15.67
N ILE A 240 6.36 -4.23 14.75
CA ILE A 240 7.45 -3.29 14.96
C ILE A 240 7.06 -2.17 15.92
N MET A 241 5.89 -1.60 15.73
CA MET A 241 5.51 -0.38 16.43
C MET A 241 5.06 -0.63 17.87
N SER A 242 4.93 -1.90 18.24
CA SER A 242 4.59 -2.27 19.60
C SER A 242 5.83 -2.52 20.45
N LYS A 243 7.00 -2.53 19.81
CA LYS A 243 8.24 -2.84 20.51
C LYS A 243 8.61 -1.81 21.56
N ASN A 244 9.21 -2.29 22.65
CA ASN A 244 9.73 -1.44 23.70
C ASN A 244 11.02 -0.78 23.23
N ILE A 245 10.86 0.27 22.43
CA ILE A 245 11.96 0.91 21.71
C ILE A 245 11.68 2.40 21.61
N ASP A 246 12.74 3.21 21.62
CA ASP A 246 12.62 4.65 21.35
C ASP A 246 11.80 4.91 20.08
N PRO A 247 10.81 5.81 20.16
CA PRO A 247 9.87 6.08 19.06
C PRO A 247 10.54 6.43 17.73
N ALA A 248 11.55 7.30 17.74
CA ALA A 248 12.21 7.64 16.48
C ALA A 248 12.87 6.40 15.87
N ARG A 249 13.52 5.59 16.70
CA ARG A 249 14.18 4.38 16.25
C ARG A 249 13.17 3.38 15.72
N LYS A 250 12.01 3.31 16.38
CA LYS A 250 10.97 2.38 16.00
C LYS A 250 10.37 2.74 14.66
N GLU A 251 10.13 4.02 14.44
CA GLU A 251 9.64 4.52 13.15
C GLU A 251 10.65 4.25 12.04
N ALA A 252 11.92 4.40 12.36
CA ALA A 252 12.96 4.09 11.42
C ALA A 252 13.01 2.61 11.11
N GLU A 253 12.79 1.77 12.10
CA GLU A 253 12.76 0.33 11.87
C GLU A 253 11.62 -0.04 10.94
N PHE A 254 10.46 0.57 11.15
CA PHE A 254 9.34 0.32 10.27
C PHE A 254 9.65 0.77 8.84
N ALA A 255 10.16 1.98 8.70
CA ALA A 255 10.48 2.51 7.37
C ALA A 255 11.47 1.61 6.64
N LEU A 256 12.51 1.18 7.35
CA LEU A 256 13.52 0.34 6.73
C LEU A 256 12.95 -1.04 6.37
N SER A 257 12.16 -1.61 7.26
CA SER A 257 11.57 -2.91 6.99
C SER A 257 10.60 -2.86 5.80
N ALA A 258 9.88 -1.77 5.67
CA ALA A 258 8.98 -1.58 4.54
C ALA A 258 9.71 -1.41 3.22
N LEU A 259 10.84 -0.69 3.26
CA LEU A 259 11.46 -0.19 2.04
C LEU A 259 12.83 -0.77 1.70
N MET A 260 13.34 -1.66 2.50
CA MET A 260 14.70 -2.13 2.27
C MET A 260 14.97 -2.81 0.93
N GLU A 261 13.97 -3.39 0.33
CA GLU A 261 14.12 -4.01 -0.97
C GLU A 261 13.91 -3.07 -2.15
N ILE A 262 13.44 -1.87 -1.88
CA ILE A 262 13.12 -0.95 -2.96
C ILE A 262 14.32 -0.61 -3.87
N PRO A 263 15.52 -0.34 -3.29
CA PRO A 263 16.63 -0.06 -4.22
C PRO A 263 16.93 -1.24 -5.15
N SER A 264 16.85 -2.46 -4.69
CA SER A 264 17.08 -3.63 -5.52
C SER A 264 16.03 -3.81 -6.60
N GLN A 265 14.80 -3.56 -6.23
CA GLN A 265 13.70 -3.64 -7.16
C GLN A 265 13.81 -2.56 -8.21
N TYR A 266 14.14 -1.36 -7.80
CA TYR A 266 14.39 -0.28 -8.76
C TYR A 266 15.48 -0.68 -9.76
N LYS A 267 16.55 -1.27 -9.29
CA LYS A 267 17.59 -1.75 -10.19
C LYS A 267 17.12 -2.79 -11.15
N ALA A 268 16.25 -3.66 -10.68
CA ALA A 268 15.69 -4.67 -11.57
C ALA A 268 14.87 -4.02 -12.71
N THR A 269 14.20 -2.91 -12.42
CA THR A 269 13.42 -2.27 -13.48
C THR A 269 14.34 -1.71 -14.57
N LEU A 270 15.61 -1.49 -14.23
CA LEU A 270 16.59 -1.06 -15.23
C LEU A 270 17.04 -2.28 -16.02
N GLU A 271 17.47 -3.30 -15.28
CA GLU A 271 17.97 -4.51 -15.90
C GLU A 271 16.94 -5.15 -16.83
N LEU A 272 15.67 -5.11 -16.43
CA LEU A 272 14.63 -5.75 -17.22
C LEU A 272 14.03 -4.85 -18.29
N GLY A 273 14.54 -3.63 -18.42
CA GLY A 273 14.06 -2.73 -19.45
C GLY A 273 12.63 -2.23 -19.23
N LEU A 274 12.25 -2.04 -17.97
CA LEU A 274 10.90 -1.58 -17.63
C LEU A 274 10.82 -0.07 -17.42
N LEU A 275 11.85 0.52 -16.81
CA LEU A 275 11.84 1.95 -16.52
C LEU A 275 11.75 2.76 -17.80
N GLY A 276 10.80 3.69 -17.85
CA GLY A 276 10.63 4.57 -18.98
C GLY A 276 9.96 3.92 -20.17
N GLN A 277 9.43 2.71 -19.99
CA GLN A 277 8.84 1.99 -21.09
C GLN A 277 7.36 1.76 -20.81
N ARG A 278 6.55 1.73 -21.88
CA ARG A 278 5.13 1.45 -21.78
C ARG A 278 4.85 0.04 -22.30
N THR A 279 3.85 -0.63 -21.74
CA THR A 279 3.49 -1.97 -22.19
C THR A 279 2.54 -1.92 -23.39
N GLY A 280 1.69 -0.89 -23.43
CA GLY A 280 0.67 -0.81 -24.45
C GLY A 280 -0.59 -1.59 -24.11
N HIS A 281 -0.64 -2.22 -22.94
CA HIS A 281 -1.83 -2.97 -22.56
C HIS A 281 -2.12 -2.93 -21.05
N CYS A 282 -2.22 -1.73 -20.51
CA CYS A 282 -2.46 -1.57 -19.08
C CYS A 282 -3.95 -1.72 -18.74
N PRO A 283 -4.30 -1.89 -17.45
CA PRO A 283 -5.70 -2.13 -17.09
C PRO A 283 -6.68 -1.01 -17.46
N ASP A 284 -6.18 0.20 -17.67
CA ASP A 284 -7.03 1.37 -17.90
C ASP A 284 -8.10 1.48 -16.83
N ARG A 285 -7.71 1.29 -15.58
CA ARG A 285 -8.65 1.36 -14.48
C ARG A 285 -8.80 2.78 -13.97
N ILE A 286 -10.04 3.25 -13.93
CA ILE A 286 -10.39 4.59 -13.50
C ILE A 286 -10.99 4.57 -12.09
N ALA A 287 -10.50 5.46 -11.22
CA ALA A 287 -11.03 5.56 -9.86
C ALA A 287 -12.37 6.28 -9.80
N LEU A 288 -13.21 5.87 -8.86
CA LEU A 288 -14.45 6.60 -8.55
C LEU A 288 -14.12 7.85 -7.73
N PRO A 289 -15.01 8.85 -7.74
CA PRO A 289 -14.82 9.97 -6.82
C PRO A 289 -15.04 9.53 -5.38
N PRO A 290 -14.65 10.33 -4.42
CA PRO A 290 -14.85 9.91 -3.04
C PRO A 290 -16.29 10.01 -2.69
N PRO A 291 -16.69 9.07 -1.73
CA PRO A 291 -18.05 9.31 -1.22
C PRO A 291 -18.09 10.70 -0.54
#